data_2RB5
#
_entry.id   2RB5
#
_cell.length_a   49.387
_cell.length_b   56.467
_cell.length_c   94.447
_cell.angle_alpha   90.00
_cell.angle_beta   90.00
_cell.angle_gamma   90.00
#
_symmetry.space_group_name_H-M   'P 21 21 21'
#
loop_
_entity.id
_entity.type
_entity.pdbx_description
1 polymer 'Putative uncharacterized protein'
2 non-polymer 'MAGNESIUM ION'
3 non-polymer trioxido(oxo)tungsten
4 water water
#
_entity_poly.entity_id   1
_entity_poly.type   'polypeptide(L)'
_entity_poly.pdbx_seq_one_letter_code
;MTKALFFDIDGTLVSFETHRIPSSTIEALEAAHAKGLKIFIATGRPKAIINNLSELQDRNLIDGYITMNGAYCFVGEEVI
YKSAIPQEEVKAMAAFCEKKGVPCIFVEEHNISVCQPNEMVKKIFYDFLHVNVIPTVSFEEASNKEVIQMTPFITEEEEK
EVLPSIPTCEIGRWYPAFADVTAKGDTKQKGIDEIIRHFGIKLEETMSFGDGGNDISMLRHAAIGVAMGQAKEDVKAAAD
YVTAPIDEDGISKAMKHFGII
;
_entity_poly.pdbx_strand_id   A
#
loop_
_chem_comp.id
_chem_comp.type
_chem_comp.name
_chem_comp.formula
MG non-polymer 'MAGNESIUM ION' 'Mg 2'
WO6 non-polymer trioxido(oxo)tungsten 'O4 W -3'
#
# COMPACT_ATOMS: atom_id res chain seq x y z
N MET A 1 22.63 9.95 7.03
CA MET A 1 22.20 8.67 7.54
C MET A 1 20.69 8.57 7.58
N THR A 2 20.29 7.31 7.72
CA THR A 2 18.86 7.03 7.66
C THR A 2 18.12 7.44 8.91
N LYS A 3 17.05 8.18 8.70
CA LYS A 3 16.16 8.61 9.76
C LYS A 3 14.74 8.06 9.66
N ALA A 4 14.29 7.67 8.50
CA ALA A 4 12.92 7.26 8.26
C ALA A 4 12.90 5.99 7.43
N LEU A 5 12.14 5.01 7.92
CA LEU A 5 11.94 3.72 7.27
C LEU A 5 10.51 3.64 6.78
N PHE A 6 10.30 3.24 5.53
CA PHE A 6 8.98 3.11 4.93
C PHE A 6 8.75 1.68 4.51
N PHE A 7 7.78 1.04 5.11
CA PHE A 7 7.52 -0.37 4.86
C PHE A 7 6.17 -0.60 4.19
N ASP A 8 6.20 -1.24 3.01
CA ASP A 8 4.99 -1.90 2.51
C ASP A 8 4.57 -2.97 3.54
N ILE A 9 3.28 -3.32 3.49
CA ILE A 9 2.78 -4.39 4.37
C ILE A 9 2.86 -5.75 3.67
N ASP A 10 2.02 -6.00 2.69
CA ASP A 10 1.83 -7.35 2.17
C ASP A 10 3.01 -7.77 1.33
N GLY A 11 3.63 -8.90 1.77
CA GLY A 11 4.83 -9.39 1.10
C GLY A 11 6.13 -8.75 1.57
N THR A 12 6.04 -7.78 2.47
CA THR A 12 7.17 -7.02 2.98
C THR A 12 7.30 -7.15 4.48
N LEU A 13 6.29 -6.75 5.22
CA LEU A 13 6.15 -7.02 6.64
C LEU A 13 5.44 -8.32 6.89
N VAL A 14 4.31 -8.53 6.23
CA VAL A 14 3.39 -9.70 6.45
C VAL A 14 3.56 -10.64 5.29
N SER A 15 3.90 -11.90 5.60
CA SER A 15 4.04 -12.93 4.59
C SER A 15 2.71 -13.33 3.99
N PHE A 16 2.67 -13.46 2.67
CA PHE A 16 1.49 -14.01 2.03
C PHE A 16 1.32 -15.51 2.34
N GLU A 17 2.39 -16.18 2.69
CA GLU A 17 2.36 -17.63 2.93
C GLU A 17 1.84 -17.94 4.30
N THR A 18 2.31 -17.19 5.29
CA THR A 18 1.94 -17.49 6.63
C THR A 18 0.90 -16.51 7.14
N HIS A 19 0.71 -15.40 6.49
CA HIS A 19 -0.15 -14.34 6.97
C HIS A 19 0.31 -13.76 8.30
N ARG A 20 1.59 -13.84 8.62
CA ARG A 20 2.14 -13.32 9.83
C ARG A 20 3.37 -12.49 9.56
N ILE A 21 3.75 -11.68 10.49
CA ILE A 21 5.02 -10.95 10.47
C ILE A 21 6.13 -11.85 11.01
N PRO A 22 7.24 -12.03 10.33
CA PRO A 22 8.34 -12.80 10.89
C PRO A 22 8.79 -12.25 12.24
N SER A 23 9.12 -13.14 13.17
CA SER A 23 9.62 -12.71 14.45
C SER A 23 10.84 -11.83 14.34
N SER A 24 11.74 -12.11 13.38
CA SER A 24 12.93 -11.29 13.30
C SER A 24 12.60 -9.88 12.80
N THR A 25 11.52 -9.72 12.08
CA THR A 25 11.07 -8.37 11.66
C THR A 25 10.61 -7.59 12.87
N ILE A 26 9.83 -8.20 13.74
CA ILE A 26 9.41 -7.49 14.96
CA ILE A 26 9.42 -7.59 15.01
C ILE A 26 10.64 -7.12 15.78
N GLU A 27 11.59 -8.01 15.96
CA GLU A 27 12.77 -7.69 16.73
CA GLU A 27 12.84 -7.78 16.65
C GLU A 27 13.58 -6.56 16.07
N ALA A 28 13.71 -6.58 14.75
CA ALA A 28 14.43 -5.53 14.06
C ALA A 28 13.78 -4.15 14.25
N LEU A 29 12.45 -4.11 14.14
CA LEU A 29 11.75 -2.84 14.32
CA LEU A 29 11.73 -2.87 14.35
C LEU A 29 11.82 -2.37 15.76
N GLU A 30 11.78 -3.27 16.74
CA GLU A 30 12.01 -2.91 18.13
CA GLU A 30 11.99 -2.84 18.12
C GLU A 30 13.37 -2.21 18.28
N ALA A 31 14.39 -2.84 17.70
CA ALA A 31 15.74 -2.30 17.84
C ALA A 31 15.86 -0.95 17.14
N ALA A 32 15.29 -0.80 15.95
CA ALA A 32 15.33 0.45 15.23
C ALA A 32 14.60 1.55 15.97
N HIS A 33 13.44 1.22 16.53
CA HIS A 33 12.67 2.20 17.29
C HIS A 33 13.49 2.79 18.43
N ALA A 34 14.19 1.94 19.16
CA ALA A 34 15.00 2.39 20.32
C ALA A 34 16.17 3.26 19.89
N LYS A 35 16.67 3.04 18.70
CA LYS A 35 17.73 3.86 18.12
C LYS A 35 17.22 5.17 17.56
N GLY A 36 15.92 5.36 17.53
CA GLY A 36 15.32 6.60 17.08
C GLY A 36 14.92 6.64 15.63
N LEU A 37 14.98 5.54 14.91
CA LEU A 37 14.40 5.52 13.54
C LEU A 37 12.91 5.80 13.67
N LYS A 38 12.40 6.57 12.72
CA LYS A 38 10.97 6.68 12.53
C LYS A 38 10.54 5.57 11.60
N ILE A 39 9.44 4.91 11.96
CA ILE A 39 8.93 3.73 11.25
C ILE A 39 7.58 4.03 10.70
N PHE A 40 7.45 3.96 9.38
CA PHE A 40 6.21 4.33 8.69
C PHE A 40 5.71 3.14 7.88
N ILE A 41 4.39 3.01 7.83
CA ILE A 41 3.72 2.09 6.92
C ILE A 41 3.44 2.82 5.60
N ALA A 42 3.64 2.12 4.48
CA ALA A 42 3.35 2.66 3.16
C ALA A 42 2.62 1.59 2.38
N THR A 43 1.31 1.67 2.31
CA THR A 43 0.48 0.59 1.82
C THR A 43 -0.60 1.07 0.86
N GLY A 44 -0.95 0.18 -0.08
CA GLY A 44 -2.11 0.34 -0.88
C GLY A 44 -3.41 0.11 -0.12
N ARG A 45 -3.38 -0.57 1.00
CA ARG A 45 -4.57 -0.79 1.76
C ARG A 45 -5.11 0.54 2.30
N PRO A 46 -6.42 0.71 2.33
CA PRO A 46 -7.00 1.73 3.19
C PRO A 46 -6.95 1.31 4.64
N LYS A 47 -6.95 2.29 5.54
CA LYS A 47 -6.93 2.01 6.98
C LYS A 47 -7.99 1.00 7.35
N ALA A 48 -9.18 1.10 6.75
CA ALA A 48 -10.29 0.24 7.09
C ALA A 48 -9.98 -1.25 6.99
N ILE A 49 -8.99 -1.64 6.17
CA ILE A 49 -8.66 -3.02 5.99
C ILE A 49 -7.26 -3.36 6.46
N ILE A 50 -6.62 -2.48 7.23
CA ILE A 50 -5.32 -2.82 7.82
C ILE A 50 -5.58 -3.63 9.10
N ASN A 51 -5.71 -4.95 8.90
CA ASN A 51 -6.10 -5.88 9.95
C ASN A 51 -4.98 -6.80 10.35
N ASN A 52 -3.77 -6.54 9.91
CA ASN A 52 -2.63 -7.48 9.98
C ASN A 52 -1.41 -6.90 10.61
N LEU A 53 -1.51 -5.77 11.30
CA LEU A 53 -0.39 -5.12 11.94
C LEU A 53 -0.43 -5.06 13.43
N SER A 54 -1.37 -5.83 14.06
CA SER A 54 -1.50 -5.67 15.52
CA SER A 54 -1.51 -5.76 15.52
C SER A 54 -0.23 -5.91 16.32
N GLU A 55 0.64 -6.79 15.83
CA GLU A 55 1.84 -7.01 16.61
C GLU A 55 2.69 -5.72 16.73
N LEU A 56 2.74 -4.95 15.65
CA LEU A 56 3.50 -3.73 15.62
C LEU A 56 2.75 -2.60 16.32
N GLN A 57 1.41 -2.57 16.11
CA GLN A 57 0.60 -1.54 16.69
C GLN A 57 0.53 -1.65 18.20
N ASP A 58 0.34 -2.92 18.67
CA ASP A 58 0.27 -3.07 20.13
C ASP A 58 1.61 -2.80 20.81
N ARG A 59 2.72 -2.91 20.06
CA ARG A 59 4.05 -2.53 20.56
C ARG A 59 4.35 -1.06 20.38
N ASN A 60 3.44 -0.28 19.81
CA ASN A 60 3.59 1.14 19.64
C ASN A 60 4.84 1.51 18.86
N LEU A 61 5.10 0.72 17.78
CA LEU A 61 6.28 0.90 16.97
C LEU A 61 6.09 1.73 15.71
N ILE A 62 4.88 2.06 15.33
CA ILE A 62 4.62 2.79 14.08
C ILE A 62 4.42 4.26 14.37
N ASP A 63 5.12 5.10 13.64
CA ASP A 63 5.10 6.56 13.81
C ASP A 63 4.19 7.29 12.84
N GLY A 64 3.69 6.64 11.80
CA GLY A 64 2.77 7.28 10.86
C GLY A 64 2.44 6.32 9.73
N TYR A 65 1.41 6.71 8.96
CA TYR A 65 0.85 5.89 7.92
C TYR A 65 0.66 6.63 6.60
N ILE A 66 1.11 5.95 5.55
CA ILE A 66 0.79 6.26 4.16
C ILE A 66 -0.13 5.15 3.72
N THR A 67 -1.40 5.48 3.43
CA THR A 67 -2.40 4.50 3.05
C THR A 67 -2.95 4.88 1.69
N MET A 68 -3.69 3.94 1.08
CA MET A 68 -4.26 4.18 -0.26
C MET A 68 -3.20 4.71 -1.20
N ASN A 69 -1.99 4.10 -1.17
CA ASN A 69 -0.94 4.44 -2.13
C ASN A 69 -0.53 5.90 -2.10
N GLY A 70 -0.63 6.55 -0.91
CA GLY A 70 -0.29 7.95 -0.79
C GLY A 70 -1.45 8.91 -0.81
N ALA A 71 -2.65 8.43 -1.15
CA ALA A 71 -3.82 9.29 -1.20
C ALA A 71 -4.42 9.59 0.15
N TYR A 72 -3.93 8.97 1.23
CA TYR A 72 -4.45 9.24 2.57
C TYR A 72 -3.36 9.00 3.58
N CYS A 73 -2.79 10.06 4.13
CA CYS A 73 -1.64 9.98 4.99
C CYS A 73 -1.93 10.63 6.33
N PHE A 74 -1.48 9.98 7.44
CA PHE A 74 -1.78 10.52 8.76
C PHE A 74 -0.67 10.14 9.73
N VAL A 75 -0.56 10.95 10.78
CA VAL A 75 0.42 10.79 11.83
C VAL A 75 -0.34 10.90 13.15
N GLY A 76 -0.44 9.83 13.89
CA GLY A 76 -1.32 9.80 15.02
C GLY A 76 -2.74 9.95 14.55
N GLU A 77 -3.49 10.91 15.11
CA GLU A 77 -4.85 11.21 14.70
C GLU A 77 -4.91 12.26 13.59
N GLU A 78 -3.76 12.83 13.21
CA GLU A 78 -3.74 14.00 12.33
C GLU A 78 -3.56 13.58 10.87
N VAL A 79 -4.59 13.87 10.05
CA VAL A 79 -4.46 13.72 8.60
C VAL A 79 -3.52 14.80 8.05
N ILE A 80 -2.45 14.41 7.40
CA ILE A 80 -1.48 15.35 6.86
C ILE A 80 -1.61 15.56 5.37
N TYR A 81 -2.34 14.68 4.66
CA TYR A 81 -2.55 14.82 3.23
C TYR A 81 -3.62 13.82 2.86
N LYS A 82 -4.52 14.24 1.94
CA LYS A 82 -5.50 13.35 1.34
CA LYS A 82 -5.40 13.29 1.29
C LYS A 82 -5.82 13.85 -0.07
N SER A 83 -6.42 13.01 -0.86
CA SER A 83 -6.87 13.40 -2.20
C SER A 83 -8.16 12.69 -2.54
N ALA A 84 -8.75 13.06 -3.66
CA ALA A 84 -9.93 12.45 -4.19
C ALA A 84 -9.81 12.37 -5.71
N ILE A 85 -10.40 11.36 -6.29
CA ILE A 85 -10.36 11.12 -7.70
C ILE A 85 -11.35 12.02 -8.43
N PRO A 86 -10.98 12.62 -9.57
CA PRO A 86 -11.95 13.39 -10.37
C PRO A 86 -13.21 12.59 -10.61
N GLN A 87 -14.37 13.22 -10.40
CA GLN A 87 -15.61 12.44 -10.43
C GLN A 87 -15.83 11.84 -11.80
N GLU A 88 -15.40 12.50 -12.89
CA GLU A 88 -15.62 11.89 -14.20
C GLU A 88 -14.95 10.55 -14.32
N GLU A 89 -13.76 10.43 -13.66
CA GLU A 89 -12.97 9.20 -13.74
C GLU A 89 -13.54 8.13 -12.83
N VAL A 90 -14.11 8.52 -11.69
CA VAL A 90 -14.85 7.59 -10.84
C VAL A 90 -16.01 7.00 -11.66
N LYS A 91 -16.78 7.87 -12.31
CA LYS A 91 -17.94 7.41 -13.08
C LYS A 91 -17.52 6.51 -14.21
N ALA A 92 -16.43 6.84 -14.89
CA ALA A 92 -16.01 6.08 -16.03
C ALA A 92 -15.52 4.71 -15.57
N MET A 93 -14.81 4.62 -14.47
CA MET A 93 -14.42 3.29 -13.95
C MET A 93 -15.64 2.49 -13.57
N ALA A 94 -16.61 3.10 -12.87
CA ALA A 94 -17.81 2.34 -12.52
C ALA A 94 -18.50 1.84 -13.78
N ALA A 95 -18.63 2.66 -14.81
CA ALA A 95 -19.31 2.22 -16.02
C ALA A 95 -18.55 1.10 -16.67
N PHE A 96 -17.24 1.17 -16.74
CA PHE A 96 -16.41 0.18 -17.36
C PHE A 96 -16.60 -1.17 -16.65
N CYS A 97 -16.49 -1.16 -15.30
CA CYS A 97 -16.57 -2.41 -14.56
C CYS A 97 -17.97 -3.00 -14.66
N GLU A 98 -18.99 -2.15 -14.59
CA GLU A 98 -20.36 -2.68 -14.71
C GLU A 98 -20.54 -3.34 -16.08
N LYS A 99 -20.07 -2.71 -17.17
CA LYS A 99 -20.26 -3.28 -18.49
C LYS A 99 -19.50 -4.57 -18.64
N LYS A 100 -18.28 -4.60 -18.13
CA LYS A 100 -17.41 -5.76 -18.26
C LYS A 100 -17.83 -6.92 -17.35
N GLY A 101 -18.63 -6.64 -16.34
CA GLY A 101 -18.91 -7.71 -15.41
C GLY A 101 -17.81 -8.00 -14.44
N VAL A 102 -17.08 -6.95 -13.99
CA VAL A 102 -16.05 -7.21 -12.98
C VAL A 102 -16.35 -6.36 -11.74
N PRO A 103 -15.93 -6.84 -10.54
CA PRO A 103 -16.15 -6.08 -9.34
C PRO A 103 -15.20 -4.91 -9.18
N CYS A 104 -15.61 -3.97 -8.35
CA CYS A 104 -14.74 -2.83 -8.02
C CYS A 104 -15.06 -2.35 -6.62
N ILE A 105 -14.01 -2.14 -5.83
CA ILE A 105 -14.11 -1.53 -4.51
C ILE A 105 -13.97 -0.03 -4.64
N PHE A 106 -14.78 0.73 -3.91
CA PHE A 106 -14.73 2.17 -3.86
C PHE A 106 -14.52 2.60 -2.42
N VAL A 107 -13.41 3.30 -2.17
CA VAL A 107 -12.99 3.67 -0.83
C VAL A 107 -13.18 5.17 -0.62
N GLU A 108 -13.95 5.55 0.36
CA GLU A 108 -14.13 6.89 0.84
C GLU A 108 -13.29 7.09 2.10
N GLU A 109 -13.26 8.31 2.62
CA GLU A 109 -12.45 8.54 3.84
C GLU A 109 -12.91 7.65 4.99
N HIS A 110 -14.23 7.56 5.17
CA HIS A 110 -14.80 6.85 6.30
C HIS A 110 -15.78 5.73 5.95
N ASN A 111 -15.76 5.25 4.74
CA ASN A 111 -16.59 4.12 4.26
C ASN A 111 -15.81 3.37 3.21
N ILE A 112 -16.12 2.11 3.08
CA ILE A 112 -15.58 1.25 2.04
C ILE A 112 -16.74 0.38 1.53
N SER A 113 -16.81 0.24 0.22
CA SER A 113 -17.90 -0.48 -0.46
C SER A 113 -17.39 -1.30 -1.60
N VAL A 114 -18.12 -2.32 -1.97
CA VAL A 114 -17.79 -3.13 -3.16
C VAL A 114 -19.03 -3.23 -4.03
N CYS A 115 -18.80 -3.20 -5.33
CA CYS A 115 -19.88 -3.30 -6.32
C CYS A 115 -19.74 -4.64 -7.07
N GLN A 116 -20.84 -5.37 -7.10
CA GLN A 116 -20.95 -6.66 -7.77
C GLN A 116 -19.82 -7.60 -7.41
N PRO A 117 -19.59 -7.83 -6.11
CA PRO A 117 -18.51 -8.73 -5.72
C PRO A 117 -18.73 -10.15 -6.27
N ASN A 118 -17.65 -10.80 -6.63
CA ASN A 118 -17.73 -12.17 -7.11
C ASN A 118 -16.86 -13.06 -6.25
N GLU A 119 -16.68 -14.32 -6.65
CA GLU A 119 -16.06 -15.22 -5.70
CA GLU A 119 -15.99 -15.37 -5.89
C GLU A 119 -14.58 -14.92 -5.53
N MET A 120 -13.95 -14.28 -6.54
CA MET A 120 -12.60 -13.76 -6.42
C MET A 120 -12.38 -12.64 -5.41
N VAL A 121 -13.33 -11.72 -5.29
CA VAL A 121 -13.32 -10.94 -4.08
C VAL A 121 -13.28 -11.83 -2.83
N LYS A 122 -14.15 -12.83 -2.69
CA LYS A 122 -14.16 -13.62 -1.43
CA LYS A 122 -14.21 -13.71 -1.53
C LYS A 122 -12.89 -14.47 -1.36
N LYS A 123 -12.42 -15.08 -2.44
CA LYS A 123 -11.24 -15.92 -2.39
C LYS A 123 -10.01 -15.12 -2.00
N ILE A 124 -9.83 -13.93 -2.56
CA ILE A 124 -8.66 -13.19 -2.13
C ILE A 124 -8.80 -12.34 -0.90
N PHE A 125 -9.76 -11.45 -0.83
CA PHE A 125 -9.82 -10.52 0.30
C PHE A 125 -10.27 -11.23 1.58
N TYR A 126 -11.26 -12.11 1.50
CA TYR A 126 -11.89 -12.67 2.72
C TYR A 126 -11.20 -13.96 3.15
N ASP A 127 -11.07 -14.86 2.16
CA ASP A 127 -10.53 -16.15 2.58
C ASP A 127 -8.98 -16.16 2.67
N PHE A 128 -8.30 -15.51 1.74
CA PHE A 128 -6.83 -15.50 1.82
C PHE A 128 -6.41 -14.47 2.82
N LEU A 129 -6.89 -13.25 2.75
CA LEU A 129 -6.45 -12.15 3.57
C LEU A 129 -7.35 -11.92 4.76
N HIS A 130 -8.42 -12.67 4.99
CA HIS A 130 -9.15 -12.51 6.24
C HIS A 130 -9.66 -11.10 6.48
N VAL A 131 -9.82 -10.35 5.36
CA VAL A 131 -10.40 -9.01 5.44
C VAL A 131 -11.87 -9.20 5.75
N ASN A 132 -12.42 -8.35 6.61
CA ASN A 132 -13.84 -8.42 6.92
C ASN A 132 -14.63 -8.14 5.67
N VAL A 133 -15.79 -8.74 5.51
CA VAL A 133 -16.62 -8.54 4.32
C VAL A 133 -16.91 -7.05 4.18
N ILE A 134 -16.75 -6.56 2.94
CA ILE A 134 -16.96 -5.17 2.60
C ILE A 134 -18.43 -5.04 2.19
N PRO A 135 -19.16 -4.06 2.67
CA PRO A 135 -20.57 -3.96 2.25
C PRO A 135 -20.73 -3.70 0.77
N THR A 136 -21.76 -4.33 0.20
CA THR A 136 -22.12 -4.13 -1.17
C THR A 136 -22.98 -2.91 -1.40
N VAL A 137 -22.68 -2.17 -2.45
CA VAL A 137 -23.52 -1.05 -2.91
CA VAL A 137 -23.55 -1.08 -2.89
C VAL A 137 -23.59 -1.14 -4.41
N SER A 138 -24.59 -0.52 -5.02
CA SER A 138 -24.68 -0.48 -6.47
C SER A 138 -23.58 0.38 -7.09
N PHE A 139 -23.25 0.08 -8.35
CA PHE A 139 -22.32 0.96 -9.10
C PHE A 139 -22.84 2.37 -9.18
N GLU A 140 -24.16 2.50 -9.35
CA GLU A 140 -24.75 3.84 -9.42
C GLU A 140 -24.43 4.63 -8.17
N GLU A 141 -24.72 4.06 -7.00
CA GLU A 141 -24.46 4.77 -5.77
C GLU A 141 -22.96 5.04 -5.61
N ALA A 142 -22.14 4.05 -5.86
CA ALA A 142 -20.69 4.28 -5.71
C ALA A 142 -20.17 5.37 -6.61
N SER A 143 -20.72 5.46 -7.81
CA SER A 143 -20.21 6.41 -8.83
C SER A 143 -20.43 7.85 -8.42
N ASN A 144 -21.25 8.08 -7.42
CA ASN A 144 -21.55 9.44 -6.95
C ASN A 144 -20.81 9.84 -5.68
N LYS A 145 -20.01 8.96 -5.14
CA LYS A 145 -19.34 9.25 -3.87
CA LYS A 145 -19.26 9.10 -3.91
C LYS A 145 -18.03 9.99 -4.12
N GLU A 146 -17.54 10.61 -3.06
CA GLU A 146 -16.22 11.23 -2.95
CA GLU A 146 -16.20 11.23 -3.13
C GLU A 146 -15.21 10.13 -2.74
N VAL A 147 -14.55 9.67 -3.83
CA VAL A 147 -13.75 8.46 -3.74
C VAL A 147 -12.26 8.79 -3.71
N ILE A 148 -11.57 8.22 -2.72
CA ILE A 148 -10.12 8.39 -2.55
C ILE A 148 -9.37 7.32 -3.34
N GLN A 149 -9.86 6.09 -3.37
CA GLN A 149 -9.20 5.00 -4.10
C GLN A 149 -10.29 4.09 -4.66
N MET A 150 -10.07 3.61 -5.86
CA MET A 150 -10.88 2.56 -6.47
C MET A 150 -9.99 1.36 -6.73
N THR A 151 -10.54 0.16 -6.50
CA THR A 151 -9.80 -1.07 -6.65
C THR A 151 -10.58 -2.01 -7.53
N PRO A 152 -10.43 -1.86 -8.85
CA PRO A 152 -11.07 -2.76 -9.82
C PRO A 152 -10.35 -4.10 -9.89
N PHE A 153 -11.15 -5.17 -10.05
CA PHE A 153 -10.65 -6.54 -10.25
C PHE A 153 -10.53 -6.76 -11.75
N ILE A 154 -9.48 -6.15 -12.35
CA ILE A 154 -9.27 -6.15 -13.80
C ILE A 154 -7.90 -6.74 -14.13
N THR A 155 -7.83 -7.40 -15.27
CA THR A 155 -6.59 -7.88 -15.81
C THR A 155 -5.76 -6.71 -16.35
N GLU A 156 -4.49 -7.04 -16.66
CA GLU A 156 -3.64 -6.01 -17.32
C GLU A 156 -4.25 -5.64 -18.68
N GLU A 157 -4.80 -6.58 -19.45
CA GLU A 157 -5.47 -6.28 -20.70
C GLU A 157 -6.69 -5.39 -20.42
N GLU A 158 -7.48 -5.69 -19.37
CA GLU A 158 -8.65 -4.82 -19.09
C GLU A 158 -8.17 -3.46 -18.65
N GLU A 159 -7.06 -3.39 -17.90
CA GLU A 159 -6.48 -2.11 -17.53
C GLU A 159 -6.13 -1.25 -18.75
N LYS A 160 -5.55 -1.75 -19.81
CA LYS A 160 -5.25 -1.03 -21.04
C LYS A 160 -6.52 -0.56 -21.71
N GLU A 161 -7.53 -1.43 -21.59
CA GLU A 161 -8.84 -1.04 -22.14
C GLU A 161 -9.47 0.08 -21.32
N VAL A 162 -9.36 0.16 -20.00
CA VAL A 162 -10.06 1.29 -19.33
C VAL A 162 -9.17 2.52 -19.18
N LEU A 163 -7.87 2.42 -19.52
CA LEU A 163 -6.97 3.55 -19.28
CA LEU A 163 -6.96 3.54 -19.32
C LEU A 163 -7.44 4.88 -19.89
N PRO A 164 -7.95 4.94 -21.10
CA PRO A 164 -8.38 6.27 -21.59
C PRO A 164 -9.56 6.81 -20.84
N SER A 165 -10.23 5.97 -20.05
CA SER A 165 -11.28 6.71 -19.29
C SER A 165 -10.86 7.11 -17.88
N ILE A 166 -9.61 6.82 -17.49
CA ILE A 166 -9.05 7.32 -16.22
C ILE A 166 -7.76 8.09 -16.54
N PRO A 167 -7.86 9.15 -17.39
CA PRO A 167 -6.67 9.77 -17.97
C PRO A 167 -5.73 10.42 -17.02
N THR A 168 -6.11 10.81 -15.82
CA THR A 168 -5.22 11.49 -14.88
C THR A 168 -4.83 10.63 -13.69
N CYS A 169 -5.44 9.51 -13.48
CA CYS A 169 -5.19 8.72 -12.32
C CYS A 169 -3.90 7.90 -12.38
N GLU A 170 -3.36 7.58 -11.22
CA GLU A 170 -2.32 6.60 -11.06
C GLU A 170 -2.94 5.22 -10.87
N ILE A 171 -2.26 4.19 -11.34
CA ILE A 171 -2.74 2.82 -11.19
CA ILE A 171 -2.70 2.82 -11.27
C ILE A 171 -1.56 1.92 -10.86
N GLY A 172 -1.71 1.11 -9.85
CA GLY A 172 -0.62 0.18 -9.55
C GLY A 172 -1.15 -1.05 -8.89
N ARG A 173 -0.28 -2.05 -8.74
CA ARG A 173 -0.67 -3.36 -8.16
C ARG A 173 0.30 -3.81 -7.06
N TRP A 174 -0.30 -4.37 -5.99
CA TRP A 174 0.44 -5.15 -5.01
C TRP A 174 0.07 -6.61 -4.98
N TYR A 175 -0.90 -6.98 -5.84
CA TYR A 175 -1.34 -8.35 -5.97
C TYR A 175 -1.82 -8.51 -7.40
N PRO A 176 -1.58 -9.62 -8.09
CA PRO A 176 -1.93 -9.63 -9.51
C PRO A 176 -3.39 -9.50 -9.85
N ALA A 177 -4.31 -9.93 -8.98
CA ALA A 177 -5.70 -9.98 -9.42
C ALA A 177 -6.42 -8.67 -9.52
N PHE A 178 -5.96 -7.58 -8.98
CA PHE A 178 -6.66 -6.28 -8.95
C PHE A 178 -5.63 -5.18 -8.97
N ALA A 179 -6.12 -3.96 -9.19
CA ALA A 179 -5.26 -2.75 -9.17
C ALA A 179 -5.89 -1.71 -8.28
N ASP A 180 -5.09 -0.79 -7.78
CA ASP A 180 -5.53 0.36 -7.06
C ASP A 180 -5.35 1.62 -7.92
N VAL A 181 -6.40 2.45 -7.96
CA VAL A 181 -6.47 3.67 -8.73
C VAL A 181 -6.64 4.86 -7.81
N THR A 182 -5.76 5.83 -7.93
CA THR A 182 -5.76 7.04 -7.12
C THR A 182 -5.53 8.26 -8.03
N ALA A 183 -5.72 9.45 -7.49
CA ALA A 183 -5.63 10.67 -8.25
C ALA A 183 -4.19 10.96 -8.67
N LYS A 184 -4.06 11.94 -9.59
CA LYS A 184 -2.83 12.35 -10.20
C LYS A 184 -1.73 12.54 -9.17
N GLY A 185 -0.60 11.81 -9.36
CA GLY A 185 0.57 11.95 -8.54
C GLY A 185 0.54 11.18 -7.26
N ASP A 186 -0.59 10.59 -6.89
CA ASP A 186 -0.72 9.90 -5.59
C ASP A 186 -0.22 8.48 -5.67
N THR A 187 1.06 8.32 -5.37
CA THR A 187 1.77 7.07 -5.23
C THR A 187 2.50 7.07 -3.89
N LYS A 188 3.11 5.96 -3.54
CA LYS A 188 3.81 5.96 -2.23
C LYS A 188 4.93 6.97 -2.20
N GLN A 189 5.49 7.39 -3.32
CA GLN A 189 6.49 8.48 -3.38
C GLN A 189 5.90 9.78 -2.79
N LYS A 190 4.67 10.12 -3.18
CA LYS A 190 3.97 11.28 -2.60
C LYS A 190 3.83 11.14 -1.09
N GLY A 191 3.49 9.92 -0.66
CA GLY A 191 3.38 9.66 0.76
C GLY A 191 4.68 9.90 1.51
N ILE A 192 5.80 9.44 0.96
CA ILE A 192 7.09 9.72 1.57
C ILE A 192 7.28 11.21 1.70
N ASP A 193 7.01 11.96 0.63
CA ASP A 193 7.23 13.41 0.65
C ASP A 193 6.40 14.04 1.76
N GLU A 194 5.15 13.63 1.93
CA GLU A 194 4.29 14.23 2.95
C GLU A 194 4.77 13.91 4.34
N ILE A 195 5.15 12.65 4.60
CA ILE A 195 5.61 12.25 5.91
C ILE A 195 6.92 13.00 6.26
N ILE A 196 7.88 13.04 5.33
CA ILE A 196 9.16 13.66 5.70
C ILE A 196 8.98 15.18 5.84
N ARG A 197 8.08 15.80 5.11
CA ARG A 197 7.73 17.22 5.32
C ARG A 197 7.29 17.43 6.75
N HIS A 198 6.40 16.56 7.24
CA HIS A 198 5.90 16.69 8.59
C HIS A 198 6.97 16.61 9.67
N PHE A 199 7.94 15.69 9.48
CA PHE A 199 8.98 15.43 10.47
C PHE A 199 10.28 16.21 10.24
N GLY A 200 10.40 16.99 9.20
CA GLY A 200 11.64 17.70 8.92
C GLY A 200 12.74 16.79 8.48
N ILE A 201 12.43 15.61 7.93
CA ILE A 201 13.44 14.68 7.45
C ILE A 201 13.71 14.92 5.99
N LYS A 202 14.97 14.81 5.55
CA LYS A 202 15.31 15.01 4.17
C LYS A 202 15.17 13.72 3.39
N LEU A 203 14.91 13.85 2.08
CA LEU A 203 14.80 12.66 1.26
C LEU A 203 16.04 11.77 1.34
N GLU A 204 17.20 12.40 1.47
CA GLU A 204 18.49 11.73 1.54
CA GLU A 204 18.47 11.67 1.50
C GLU A 204 18.62 10.85 2.77
N GLU A 205 17.69 10.95 3.72
CA GLU A 205 17.66 10.24 4.99
C GLU A 205 16.60 9.16 5.05
N THR A 206 16.07 8.73 3.89
CA THR A 206 14.98 7.77 3.83
C THR A 206 15.42 6.41 3.29
N MET A 207 14.70 5.38 3.71
CA MET A 207 14.87 4.03 3.25
C MET A 207 13.48 3.41 3.08
N SER A 208 13.25 2.74 1.96
CA SER A 208 11.96 2.07 1.70
C SER A 208 12.18 0.59 1.47
N PHE A 209 11.13 -0.17 1.69
CA PHE A 209 11.11 -1.62 1.61
C PHE A 209 9.83 -2.07 0.91
N GLY A 210 9.95 -2.89 -0.12
CA GLY A 210 8.77 -3.34 -0.84
C GLY A 210 9.00 -4.58 -1.65
N ASP A 211 7.88 -5.15 -2.10
CA ASP A 211 7.85 -6.37 -2.88
C ASP A 211 7.07 -6.24 -4.20
N GLY A 212 6.38 -5.18 -4.41
CA GLY A 212 5.35 -5.13 -5.48
C GLY A 212 5.51 -3.99 -6.44
N GLY A 213 4.74 -4.05 -7.53
CA GLY A 213 4.79 -3.00 -8.53
C GLY A 213 4.40 -1.64 -7.98
N ASN A 214 3.50 -1.58 -7.01
CA ASN A 214 3.10 -0.32 -6.39
C ASN A 214 4.13 0.24 -5.41
N ASP A 215 5.28 -0.48 -5.27
CA ASP A 215 6.40 0.00 -4.47
C ASP A 215 7.50 0.60 -5.35
N ILE A 216 7.45 0.41 -6.67
CA ILE A 216 8.57 0.83 -7.49
C ILE A 216 8.86 2.32 -7.35
N SER A 217 7.81 3.15 -7.32
CA SER A 217 8.12 4.61 -7.24
C SER A 217 8.81 4.92 -5.91
N MET A 218 8.41 4.30 -4.79
CA MET A 218 9.06 4.63 -3.54
C MET A 218 10.43 3.96 -3.43
N LEU A 219 10.67 2.81 -4.08
CA LEU A 219 11.98 2.19 -4.10
C LEU A 219 12.98 3.09 -4.83
N ARG A 220 12.53 3.74 -5.91
CA ARG A 220 13.42 4.65 -6.63
CA ARG A 220 13.35 4.68 -6.64
C ARG A 220 13.56 5.98 -5.91
N HIS A 221 12.48 6.45 -5.24
CA HIS A 221 12.48 7.79 -4.61
C HIS A 221 13.26 7.88 -3.35
N ALA A 222 13.13 6.88 -2.48
CA ALA A 222 13.86 6.88 -1.24
C ALA A 222 15.36 6.87 -1.51
N ALA A 223 16.14 7.34 -0.53
CA ALA A 223 17.60 7.33 -0.75
C ALA A 223 18.12 5.93 -0.95
N ILE A 224 17.59 4.98 -0.17
CA ILE A 224 17.91 3.56 -0.30
C ILE A 224 16.60 2.80 -0.43
N GLY A 225 16.43 2.10 -1.52
CA GLY A 225 15.28 1.23 -1.75
C GLY A 225 15.70 -0.24 -1.58
N VAL A 226 14.97 -0.99 -0.81
CA VAL A 226 15.20 -2.41 -0.56
C VAL A 226 14.05 -3.23 -1.13
N ALA A 227 14.35 -4.12 -2.05
CA ALA A 227 13.36 -5.07 -2.56
C ALA A 227 13.48 -6.39 -1.84
N MET A 228 12.31 -7.01 -1.55
CA MET A 228 12.28 -8.33 -0.95
C MET A 228 12.77 -9.37 -1.95
N GLY A 229 13.38 -10.45 -1.40
CA GLY A 229 14.02 -11.42 -2.26
C GLY A 229 13.12 -12.14 -3.22
N GLN A 230 11.83 -12.27 -2.88
CA GLN A 230 10.90 -12.93 -3.76
C GLN A 230 10.17 -12.03 -4.71
N ALA A 231 10.51 -10.74 -4.75
CA ALA A 231 9.89 -9.79 -5.66
C ALA A 231 10.22 -10.16 -7.12
N LYS A 232 9.35 -9.71 -8.03
CA LYS A 232 9.61 -9.86 -9.45
C LYS A 232 10.78 -9.00 -9.84
N GLU A 233 11.35 -9.30 -11.02
CA GLU A 233 12.56 -8.64 -11.47
C GLU A 233 12.45 -7.15 -11.63
N ASP A 234 11.32 -6.62 -12.09
CA ASP A 234 11.26 -5.19 -12.25
C ASP A 234 11.24 -4.44 -10.91
N VAL A 235 10.68 -5.05 -9.88
CA VAL A 235 10.71 -4.49 -8.53
C VAL A 235 12.15 -4.49 -8.03
N LYS A 236 12.84 -5.62 -8.17
CA LYS A 236 14.25 -5.70 -7.81
C LYS A 236 15.08 -4.68 -8.52
N ALA A 237 14.82 -4.46 -9.80
CA ALA A 237 15.63 -3.55 -10.59
C ALA A 237 15.43 -2.08 -10.14
N ALA A 238 14.30 -1.76 -9.56
CA ALA A 238 14.00 -0.43 -9.07
C ALA A 238 14.69 -0.15 -7.72
N ALA A 239 15.09 -1.17 -7.05
CA ALA A 239 15.74 -1.04 -5.72
C ALA A 239 17.25 -0.87 -5.86
N ASP A 240 17.82 -0.37 -4.78
CA ASP A 240 19.27 -0.30 -4.65
C ASP A 240 19.85 -1.61 -4.13
N TYR A 241 19.09 -2.37 -3.36
CA TYR A 241 19.53 -3.53 -2.64
C TYR A 241 18.44 -4.57 -2.63
N VAL A 242 18.74 -5.82 -2.91
CA VAL A 242 17.80 -6.89 -2.84
C VAL A 242 18.15 -7.75 -1.64
N THR A 243 17.21 -7.85 -0.69
CA THR A 243 17.41 -8.64 0.51
C THR A 243 16.93 -10.05 0.33
N ALA A 244 17.03 -10.85 1.37
CA ALA A 244 16.52 -12.23 1.36
C ALA A 244 15.00 -12.23 1.21
N PRO A 245 14.44 -13.38 0.90
CA PRO A 245 12.99 -13.50 0.95
C PRO A 245 12.44 -13.15 2.29
N ILE A 246 11.16 -12.76 2.34
CA ILE A 246 10.48 -12.33 3.56
C ILE A 246 10.65 -13.35 4.68
N ASP A 247 10.44 -14.63 4.38
CA ASP A 247 10.45 -15.66 5.43
C ASP A 247 11.84 -16.26 5.63
N GLU A 248 12.86 -15.61 5.12
CA GLU A 248 14.28 -15.88 5.43
C GLU A 248 14.92 -14.63 6.01
N ASP A 249 14.16 -13.93 6.88
CA ASP A 249 14.66 -12.81 7.63
C ASP A 249 15.05 -11.64 6.75
N GLY A 250 14.34 -11.44 5.63
CA GLY A 250 14.77 -10.40 4.72
C GLY A 250 14.80 -8.99 5.31
N ILE A 251 13.82 -8.59 6.09
CA ILE A 251 13.83 -7.25 6.67
C ILE A 251 15.01 -7.06 7.64
N SER A 252 15.12 -7.99 8.59
CA SER A 252 16.19 -7.88 9.56
CA SER A 252 16.19 -8.07 9.55
C SER A 252 17.56 -7.88 8.92
N LYS A 253 17.78 -8.80 7.95
CA LYS A 253 19.07 -8.84 7.27
C LYS A 253 19.37 -7.55 6.56
N ALA A 254 18.40 -6.93 5.93
CA ALA A 254 18.65 -5.66 5.24
C ALA A 254 19.02 -4.58 6.24
N MET A 255 18.26 -4.50 7.33
CA MET A 255 18.51 -3.47 8.33
C MET A 255 19.91 -3.63 8.96
N LYS A 256 20.32 -4.87 9.20
CA LYS A 256 21.66 -5.13 9.70
C LYS A 256 22.70 -4.74 8.66
N HIS A 257 22.46 -5.08 7.40
CA HIS A 257 23.42 -4.77 6.34
C HIS A 257 23.78 -3.31 6.28
N PHE A 258 22.79 -2.45 6.44
CA PHE A 258 22.97 -1.01 6.38
C PHE A 258 23.42 -0.40 7.70
N GLY A 259 23.41 -1.18 8.77
CA GLY A 259 23.76 -0.63 10.07
C GLY A 259 22.64 0.17 10.69
N ILE A 260 21.41 -0.02 10.23
CA ILE A 260 20.23 0.55 10.89
C ILE A 260 20.12 0.03 12.33
N ILE A 261 20.40 -1.27 12.44
CA ILE A 261 20.48 -2.00 13.67
C ILE A 261 21.77 -2.82 13.68
MG MG B . 3.42 -5.68 -1.11
W WO6 C . 0.92 -3.38 0.19
O1 WO6 C . -0.85 -3.81 0.15
O2 WO6 C . 1.64 -4.82 -0.47
O3 WO6 C . 0.93 -3.19 1.86
O4 WO6 C . 0.69 -2.05 -0.81
#